data_4X6K
#
_entry.id   4X6K
#
_cell.length_a   99.109
_cell.length_b   99.109
_cell.length_c   131.708
_cell.angle_alpha   90.000
_cell.angle_beta   90.000
_cell.angle_gamma   120.000
#
_symmetry.space_group_name_H-M   'H 3'
#
loop_
_entity.id
_entity.type
_entity.pdbx_description
1 polymer Anhydrosialidase
2 non-polymer 'ACETYL GROUP'
3 non-polymer (2S,3R,4S,5S)-2-(acetylamino)-5-carboxy-3,4-dihydroxypiperidinium
4 water water
#
_entity_poly.entity_id   1
_entity_poly.type   'polypeptide(L)'
_entity_poly.pdbx_seq_one_letter_code
;ADIGSNIFYAGDATKSNYFRIPSLLALDSGTVIAAADARYGGTHDAKSKINTAFAKSTDGGKTWGQPTLPLKFDDYVAKN
IDWPRDSVGKNVQIQGSASYIDPVLLEDKETHRVFLFADMMPAGIGSSNASVGSGFKEVDGKKYLKLHWKDDAAGTYDYS
VRENGTIYNDTTNSATEYSVDGEYNLYKNGNAMLCKQYDYNFEGTKLLETQTDTDVNMNVFYKDADFKVFPTTYLAMKYS
DDEGETWSDLQIVSTFKPEESKFLVLGPGVGKQIANGEHAGRLIVPLYSKSSAELGFMYSDDHGNNWTYVEADQNTGGAT
AEAQIVEMPDGSLKTYLRTGSGYIAQVMSTDGGETWSERVPLTEIATTGYGTQLSVINYSQPVDGKPAILLSAPNATNGR
KNGKIWIGLISETGNSGKDKYSVDWKYCYSVDTPQMGYSYSCLTELPDGEIGLLYEKYDSWSRNELHLKNILKYERFNID
ELKVQP
;
_entity_poly.pdbx_strand_id   A
#
loop_
_chem_comp.id
_chem_comp.type
_chem_comp.name
_chem_comp.formula
3XR non-polymer (2S,3R,4S,5S)-2-(acetylamino)-5-carboxy-3,4-dihydroxypiperidinium 'C8 H15 N2 O5 1'
ACE non-polymer 'ACETYL GROUP' 'C2 H4 O'
#
# COMPACT_ATOMS: atom_id res chain seq x y z
N ALA A 1 7.43 -2.44 31.40
CA ALA A 1 7.47 -1.03 30.95
C ALA A 1 7.02 -0.87 29.47
N ASP A 2 7.70 -0.07 28.66
CA ASP A 2 7.28 0.19 27.25
C ASP A 2 8.04 -0.67 26.16
N ILE A 3 9.12 -0.30 25.44
CA ILE A 3 9.85 0.98 25.33
C ILE A 3 10.66 0.90 24.05
N SER A 5 9.52 -0.79 20.64
CA SER A 5 8.42 0.13 20.43
C SER A 5 8.52 0.95 19.12
N ASN A 6 9.71 0.90 18.48
CA ASN A 6 9.97 1.31 17.10
C ASN A 6 10.36 0.09 16.24
N ILE A 7 9.99 0.16 14.98
CA ILE A 7 10.55 -0.74 14.00
C ILE A 7 11.39 0.14 13.09
N PHE A 8 10.73 1.08 12.39
CA PHE A 8 11.36 2.05 11.55
C PHE A 8 11.49 3.34 12.39
N TYR A 9 12.64 4.01 12.30
CA TYR A 9 12.90 5.28 13.05
C TYR A 9 13.97 6.14 12.38
N ALA A 10 13.91 7.45 12.58
CA ALA A 10 14.89 8.39 12.01
C ALA A 10 16.33 7.99 12.43
N GLY A 11 17.26 7.78 11.51
CA GLY A 11 18.61 7.24 11.91
C GLY A 11 18.81 5.74 11.63
N ASP A 12 17.73 4.99 11.33
CA ASP A 12 17.91 3.59 10.93
C ASP A 12 18.49 3.51 9.51
N ALA A 13 18.70 2.29 9.03
CA ALA A 13 19.36 2.08 7.70
C ALA A 13 18.58 2.59 6.48
N THR A 14 17.30 2.92 6.60
CA THR A 14 16.57 3.51 5.45
C THR A 14 17.08 4.87 5.05
N LYS A 15 17.71 5.60 5.99
CA LYS A 15 18.14 6.97 5.75
C LYS A 15 16.96 7.93 5.60
N SER A 16 15.77 7.51 6.00
CA SER A 16 14.62 8.41 6.02
C SER A 16 14.37 8.93 7.45
N ASN A 17 13.98 10.19 7.57
CA ASN A 17 13.58 10.76 8.86
C ASN A 17 12.09 10.57 9.15
N TYR A 18 11.30 10.32 8.10
CA TYR A 18 9.86 10.13 8.30
C TYR A 18 9.36 8.79 7.76
N PHE A 19 8.25 8.35 8.38
CA PHE A 19 7.52 7.13 8.02
C PHE A 19 6.03 7.28 8.16
N ARG A 20 5.28 6.57 7.32
CA ARG A 20 3.83 6.54 7.37
C ARG A 20 3.39 5.20 6.75
N ILE A 21 2.12 4.80 7.01
CA ILE A 21 1.38 3.76 6.29
C ILE A 21 1.90 2.37 6.70
N PRO A 22 1.69 2.02 7.95
CA PRO A 22 2.22 0.74 8.46
C PRO A 22 1.56 -0.46 7.84
N SER A 23 2.36 -1.50 7.66
CA SER A 23 1.91 -2.84 7.34
C SER A 23 2.70 -3.85 8.22
N LEU A 24 1.98 -4.82 8.73
CA LEU A 24 2.47 -5.75 9.78
C LEU A 24 1.81 -7.08 9.51
N LEU A 25 2.63 -8.14 9.46
CA LEU A 25 2.18 -9.47 9.05
C LEU A 25 3.09 -10.59 9.63
N ALA A 26 2.45 -11.39 10.44
CA ALA A 26 2.98 -12.64 10.98
C ALA A 26 2.85 -13.67 9.91
N LEU A 27 3.95 -14.37 9.63
CA LEU A 27 3.99 -15.37 8.59
C LEU A 27 3.72 -16.73 9.20
N ASP A 28 3.36 -17.68 8.34
CA ASP A 28 2.91 -18.98 8.80
C ASP A 28 4.10 -19.64 9.59
N SER A 29 5.33 -19.36 9.21
CA SER A 29 6.51 -19.89 9.92
C SER A 29 6.77 -19.42 11.37
N GLY A 30 6.08 -18.36 11.80
CA GLY A 30 6.44 -17.66 13.02
C GLY A 30 7.28 -16.40 12.80
N THR A 31 7.93 -16.26 11.64
CA THR A 31 8.60 -15.00 11.36
C THR A 31 7.53 -13.92 11.24
N VAL A 32 7.87 -12.71 11.66
CA VAL A 32 6.96 -11.53 11.53
C VAL A 32 7.68 -10.50 10.68
N ILE A 33 6.91 -9.82 9.85
CA ILE A 33 7.50 -8.84 8.96
C ILE A 33 6.68 -7.58 8.96
N ALA A 34 7.29 -6.52 8.44
CA ALA A 34 6.63 -5.27 8.41
C ALA A 34 7.16 -4.43 7.29
N ALA A 35 6.35 -3.43 6.93
CA ALA A 35 6.66 -2.50 5.90
C ALA A 35 5.99 -1.18 6.16
N ALA A 36 6.52 -0.13 5.49
CA ALA A 36 5.97 1.24 5.60
C ALA A 36 6.60 2.09 4.55
N ASP A 37 5.98 3.24 4.28
CA ASP A 37 6.60 4.24 3.47
C ASP A 37 7.83 4.84 4.19
N ALA A 38 8.97 4.90 3.52
CA ALA A 38 10.08 5.69 3.98
C ALA A 38 9.90 7.04 3.25
N ARG A 39 9.36 8.04 3.93
CA ARG A 39 9.00 9.32 3.31
C ARG A 39 10.16 10.33 3.59
N TYR A 40 11.03 10.51 2.60
CA TYR A 40 12.29 11.26 2.81
C TYR A 40 11.98 12.77 2.89
N GLY A 41 11.14 13.21 1.97
CA GLY A 41 10.78 14.61 1.84
C GLY A 41 9.65 15.11 2.71
N GLY A 42 9.81 15.00 4.02
CA GLY A 42 8.67 15.20 4.97
C GLY A 42 7.65 14.10 4.84
N THR A 43 6.51 14.24 5.51
CA THR A 43 5.44 13.26 5.45
C THR A 43 4.48 13.47 4.26
N HIS A 44 4.89 14.24 3.26
CA HIS A 44 4.02 14.43 2.09
C HIS A 44 3.71 13.11 1.32
N ASP A 45 2.51 13.01 0.76
CA ASP A 45 2.14 12.06 -0.27
C ASP A 45 2.94 12.33 -1.54
N ALA A 46 3.10 11.33 -2.39
CA ALA A 46 3.53 11.64 -3.70
C ALA A 46 2.60 12.73 -4.32
N LYS A 47 3.17 13.64 -5.14
CA LYS A 47 4.55 13.65 -5.56
C LYS A 47 5.59 13.98 -4.51
N SER A 48 6.61 13.12 -4.42
CA SER A 48 7.70 13.29 -3.47
C SER A 48 8.77 12.31 -3.72
N LYS A 49 9.59 12.04 -2.71
CA LYS A 49 10.53 10.94 -2.76
C LYS A 49 10.25 9.99 -1.60
N ILE A 50 9.76 8.83 -1.95
CA ILE A 50 9.37 7.78 -0.98
C ILE A 50 9.85 6.45 -1.56
N ASN A 51 10.45 5.62 -0.72
CA ASN A 51 10.69 4.19 -0.96
C ASN A 51 9.88 3.34 0.00
N THR A 52 9.67 2.05 -0.33
CA THR A 52 9.06 1.14 0.61
C THR A 52 10.12 0.45 1.51
N ALA A 53 10.00 0.60 2.82
CA ALA A 53 10.87 -0.05 3.75
C ALA A 53 10.26 -1.33 4.22
N PHE A 54 11.14 -2.21 4.68
CA PHE A 54 10.73 -3.53 5.08
C PHE A 54 11.62 -3.98 6.24
N ALA A 55 11.06 -4.76 7.17
CA ALA A 55 11.89 -5.33 8.20
C ALA A 55 11.33 -6.61 8.68
N LYS A 56 12.19 -7.36 9.38
CA LYS A 56 11.85 -8.69 9.83
C LYS A 56 12.21 -8.99 11.30
N SER A 57 11.38 -9.78 11.96
CA SER A 57 11.66 -10.25 13.30
C SER A 57 11.60 -11.78 13.30
N THR A 58 12.64 -12.42 13.80
CA THR A 58 12.63 -13.89 13.89
C THR A 58 12.52 -14.44 15.31
N ASP A 59 12.17 -13.56 16.25
CA ASP A 59 11.85 -13.94 17.63
C ASP A 59 10.41 -13.63 18.02
N GLY A 60 9.53 -13.61 17.04
CA GLY A 60 8.12 -13.62 17.35
C GLY A 60 7.59 -12.21 17.30
N GLY A 61 8.37 -11.31 16.74
CA GLY A 61 7.94 -9.91 16.67
C GLY A 61 8.34 -9.08 17.87
N LYS A 62 9.42 -9.45 18.53
CA LYS A 62 9.95 -8.66 19.58
C LYS A 62 11.18 -7.88 19.17
N THR A 63 12.16 -8.51 18.52
CA THR A 63 13.39 -7.82 18.13
C THR A 63 13.30 -7.67 16.59
N TRP A 64 13.62 -6.49 16.06
CA TRP A 64 13.47 -6.27 14.65
C TRP A 64 14.85 -6.00 14.04
N GLY A 65 15.16 -6.65 12.93
CA GLY A 65 16.39 -6.34 12.24
C GLY A 65 16.44 -4.98 11.53
N GLN A 66 17.60 -4.77 10.92
CA GLN A 66 17.89 -3.65 10.07
C GLN A 66 16.89 -3.61 8.93
N PRO A 67 16.25 -2.46 8.73
CA PRO A 67 15.28 -2.34 7.67
C PRO A 67 15.97 -2.35 6.32
N THR A 68 15.26 -2.89 5.33
CA THR A 68 15.72 -2.88 3.92
C THR A 68 14.76 -2.09 3.08
N LEU A 69 15.07 -1.85 1.81
CA LEU A 69 14.22 -1.05 0.95
C LEU A 69 13.98 -1.81 -0.34
N PRO A 70 13.00 -2.70 -0.31
CA PRO A 70 12.88 -3.61 -1.46
C PRO A 70 12.28 -2.95 -2.74
N LEU A 71 11.55 -1.89 -2.55
CA LEU A 71 11.05 -1.09 -3.69
C LEU A 71 11.65 0.27 -3.48
N LYS A 72 12.57 0.63 -4.36
CA LYS A 72 13.25 1.91 -4.27
C LYS A 72 13.56 2.45 -5.62
N PHE A 73 13.58 3.77 -5.69
CA PHE A 73 14.06 4.49 -6.80
C PHE A 73 15.34 5.25 -6.40
N ASP A 74 16.17 5.52 -7.38
CA ASP A 74 17.48 6.17 -7.13
C ASP A 74 17.66 7.50 -7.84
N ASP A 75 16.59 8.05 -8.43
CA ASP A 75 16.73 9.28 -9.15
C ASP A 75 17.09 10.42 -8.21
N TYR A 76 16.48 10.43 -7.01
CA TYR A 76 16.88 11.36 -5.97
C TYR A 76 17.53 10.59 -4.87
N VAL A 77 18.49 11.22 -4.19
CA VAL A 77 19.23 10.51 -3.11
C VAL A 77 18.30 10.23 -1.93
N ALA A 78 18.58 9.15 -1.24
CA ALA A 78 17.98 8.83 0.04
C ALA A 78 18.83 9.43 1.18
N LYS A 79 18.32 10.40 1.92
CA LYS A 79 19.04 10.97 3.04
C LYS A 79 18.12 11.46 4.15
N ASN A 80 18.72 11.63 5.33
CA ASN A 80 18.03 12.23 6.50
C ASN A 80 18.08 13.73 6.45
N ILE A 81 16.92 14.32 6.30
CA ILE A 81 16.75 15.75 6.20
C ILE A 81 15.53 16.20 7.07
N ASP A 82 15.68 17.32 7.77
CA ASP A 82 14.55 17.83 8.54
C ASP A 82 13.79 18.74 7.65
N TRP A 83 12.55 18.37 7.41
CA TRP A 83 11.66 19.13 6.61
C TRP A 83 11.17 20.32 7.41
N PRO A 84 11.17 21.54 6.82
CA PRO A 84 10.64 22.68 7.58
C PRO A 84 9.17 22.50 7.99
N ARG A 85 8.81 23.03 9.16
CA ARG A 85 7.44 22.93 9.66
C ARG A 85 6.77 24.29 9.82
N ASP A 86 7.39 25.34 9.26
CA ASP A 86 6.72 26.68 9.21
C ASP A 86 5.57 26.74 8.25
N SER A 87 4.80 27.83 8.32
CA SER A 87 3.56 27.99 7.58
C SER A 87 3.69 27.92 6.11
N VAL A 88 4.89 28.21 5.58
CA VAL A 88 5.13 28.21 4.14
C VAL A 88 5.89 26.92 3.72
N GLY A 89 7.03 26.68 4.35
CA GLY A 89 7.89 25.58 3.98
C GLY A 89 7.23 24.22 4.19
N LYS A 90 6.30 24.17 5.13
CA LYS A 90 5.68 22.87 5.49
C LYS A 90 4.98 22.36 4.24
N ASN A 91 4.43 23.28 3.43
CA ASN A 91 3.74 22.86 2.26
C ASN A 91 4.62 22.43 1.10
N VAL A 92 5.91 22.67 1.18
CA VAL A 92 6.77 22.40 0.06
C VAL A 92 7.09 20.88 -0.08
N GLN A 93 7.00 20.40 -1.33
CA GLN A 93 7.21 19.01 -1.70
C GLN A 93 8.27 18.90 -2.77
N ILE A 94 9.03 17.79 -2.72
CA ILE A 94 9.93 17.39 -3.85
C ILE A 94 9.12 17.22 -5.10
N GLN A 95 9.57 17.89 -6.19
CA GLN A 95 8.80 18.00 -7.42
C GLN A 95 9.08 16.97 -8.52
N GLY A 96 10.30 16.47 -8.57
CA GLY A 96 10.81 15.73 -9.70
C GLY A 96 11.22 14.28 -9.45
N SER A 97 10.81 13.71 -8.34
CA SER A 97 11.24 12.37 -7.99
C SER A 97 10.12 11.34 -8.27
N ALA A 98 10.54 10.12 -8.61
CA ALA A 98 9.65 8.99 -8.64
C ALA A 98 9.47 8.47 -7.22
N SER A 99 8.43 7.66 -7.03
CA SER A 99 8.07 7.17 -5.68
C SER A 99 7.36 5.83 -5.68
N TYR A 100 7.51 5.11 -4.57
CA TYR A 100 6.65 3.97 -4.19
C TYR A 100 5.95 4.37 -2.87
N ILE A 101 4.62 4.12 -2.76
CA ILE A 101 3.80 4.69 -1.73
C ILE A 101 2.65 3.70 -1.46
N ASP A 102 2.34 3.52 -0.18
CA ASP A 102 1.10 2.86 0.33
C ASP A 102 1.22 1.33 0.17
N PRO A 103 2.00 0.68 1.05
CA PRO A 103 2.27 -0.73 0.90
C PRO A 103 1.21 -1.69 1.43
N VAL A 104 1.24 -2.88 0.81
CA VAL A 104 0.47 -4.05 1.17
C VAL A 104 1.37 -5.27 1.21
N LEU A 105 1.28 -5.98 2.30
CA LEU A 105 1.91 -7.33 2.43
C LEU A 105 0.85 -8.44 2.40
N LEU A 106 1.25 -9.56 1.82
CA LEU A 106 0.43 -10.74 1.67
C LEU A 106 1.31 -12.01 1.68
N GLU A 107 0.90 -13.03 2.41
CA GLU A 107 1.57 -14.34 2.36
C GLU A 107 0.67 -15.39 1.65
N ASP A 108 1.22 -16.08 0.67
CA ASP A 108 0.55 -17.28 0.18
C ASP A 108 0.99 -18.42 1.16
N LYS A 109 0.12 -18.86 2.06
CA LYS A 109 0.53 -19.92 3.06
C LYS A 109 0.74 -21.30 2.44
N GLU A 110 0.14 -21.52 1.28
CA GLU A 110 0.21 -22.79 0.56
C GLU A 110 1.52 -22.99 -0.09
N THR A 111 2.11 -21.93 -0.64
CA THR A 111 3.40 -21.99 -1.28
C THR A 111 4.54 -21.30 -0.48
N HIS A 112 4.21 -20.58 0.62
CA HIS A 112 5.21 -19.86 1.37
C HIS A 112 5.94 -18.84 0.52
N ARG A 113 5.15 -18.03 -0.18
CA ARG A 113 5.68 -16.86 -0.93
C ARG A 113 5.12 -15.58 -0.31
N VAL A 114 5.98 -14.58 -0.13
CA VAL A 114 5.56 -13.30 0.42
C VAL A 114 5.54 -12.31 -0.77
N PHE A 115 4.43 -11.60 -0.89
CA PHE A 115 4.26 -10.47 -1.85
C PHE A 115 4.23 -9.14 -1.15
N LEU A 116 4.99 -8.19 -1.67
CA LEU A 116 4.92 -6.85 -1.27
C LEU A 116 4.51 -6.03 -2.45
N PHE A 117 3.48 -5.22 -2.25
CA PHE A 117 2.92 -4.34 -3.23
C PHE A 117 3.07 -2.90 -2.80
N ALA A 118 3.23 -2.01 -3.79
CA ALA A 118 3.08 -0.58 -3.57
C ALA A 118 2.60 0.17 -4.79
N ASP A 119 2.03 1.36 -4.58
CA ASP A 119 1.70 2.20 -5.72
C ASP A 119 3.05 2.69 -6.26
N MET A 120 3.18 2.80 -7.56
CA MET A 120 4.45 3.13 -8.25
C MET A 120 4.19 4.36 -9.11
N MET A 121 4.89 5.46 -8.77
CA MET A 121 4.57 6.76 -9.26
C MET A 121 5.75 7.23 -10.05
N PRO A 122 5.57 7.43 -11.33
CA PRO A 122 6.58 8.15 -12.14
C PRO A 122 6.99 9.53 -11.56
N ALA A 123 8.15 10.06 -12.01
CA ALA A 123 8.70 11.30 -11.46
C ALA A 123 7.71 12.47 -11.51
N GLY A 124 7.57 13.14 -10.37
CA GLY A 124 6.61 14.20 -10.22
C GLY A 124 5.13 13.86 -10.18
N ILE A 125 4.80 12.58 -10.00
CA ILE A 125 3.45 12.20 -10.07
C ILE A 125 3.02 11.71 -8.72
N GLY A 126 1.74 11.92 -8.43
CA GLY A 126 1.06 11.19 -7.35
C GLY A 126 -0.37 11.10 -7.79
N SER A 127 -1.24 10.58 -6.92
CA SER A 127 -2.59 10.34 -7.29
C SER A 127 -3.26 11.57 -7.80
N SER A 128 -3.00 12.74 -7.19
CA SER A 128 -3.83 13.94 -7.46
C SER A 128 -3.54 14.48 -8.84
N ASN A 129 -2.32 14.25 -9.35
CA ASN A 129 -2.00 14.77 -10.73
C ASN A 129 -1.72 13.67 -11.80
N ALA A 130 -2.13 12.44 -11.52
CA ALA A 130 -2.03 11.37 -12.49
C ALA A 130 -2.97 11.61 -13.68
N SER A 131 -2.55 11.15 -14.85
CA SER A 131 -3.35 11.26 -16.05
C SER A 131 -4.27 10.09 -16.19
N VAL A 132 -5.43 10.33 -16.80
CA VAL A 132 -6.40 9.31 -17.15
C VAL A 132 -5.86 8.35 -18.21
N GLY A 133 -6.00 7.05 -17.94
CA GLY A 133 -5.48 6.02 -18.82
C GLY A 133 -4.73 4.91 -18.08
N SER A 134 -4.49 3.80 -18.74
CA SER A 134 -3.84 2.63 -18.12
C SER A 134 -2.30 2.67 -18.15
N GLY A 135 -1.75 3.36 -19.14
CA GLY A 135 -0.29 3.35 -19.34
C GLY A 135 0.21 2.17 -20.15
N PHE A 136 -0.76 1.37 -20.59
CA PHE A 136 -0.47 0.23 -21.47
C PHE A 136 -1.10 0.44 -22.84
N LYS A 137 -0.44 -0.03 -23.88
CA LYS A 137 -1.08 -0.12 -25.15
C LYS A 137 -1.27 -1.59 -25.52
N GLU A 138 -2.06 -1.82 -26.59
CA GLU A 138 -2.16 -3.14 -27.25
C GLU A 138 -1.46 -3.15 -28.58
N VAL A 139 -0.57 -4.12 -28.78
CA VAL A 139 0.05 -4.32 -30.09
C VAL A 139 -0.35 -5.72 -30.54
N ASP A 140 -1.12 -5.76 -31.61
CA ASP A 140 -1.67 -7.04 -32.11
C ASP A 140 -2.42 -7.71 -30.94
N GLY A 141 -3.17 -6.94 -30.13
CA GLY A 141 -4.04 -7.47 -29.08
C GLY A 141 -3.34 -7.81 -27.73
N LYS A 142 -2.00 -7.74 -27.72
CA LYS A 142 -1.17 -7.96 -26.51
C LYS A 142 -0.86 -6.62 -25.74
N LYS A 143 -1.13 -6.59 -24.44
CA LYS A 143 -0.80 -5.42 -23.60
C LYS A 143 0.67 -5.21 -23.29
N TYR A 144 1.15 -4.01 -23.59
CA TYR A 144 2.54 -3.70 -23.28
C TYR A 144 2.61 -2.30 -22.67
N LEU A 145 3.51 -2.15 -21.73
CA LEU A 145 3.77 -0.82 -21.13
C LEU A 145 4.20 0.14 -22.26
N LYS A 146 3.58 1.31 -22.42
CA LYS A 146 3.96 2.26 -23.49
C LYS A 146 5.06 3.17 -23.09
N LEU A 147 5.89 3.55 -24.03
CA LEU A 147 7.01 4.40 -23.79
C LEU A 147 7.06 5.58 -24.83
N HIS A 148 7.53 6.73 -24.35
CA HIS A 148 7.68 7.92 -25.08
C HIS A 148 9.19 8.16 -25.20
N TRP A 149 9.64 8.20 -26.44
CA TRP A 149 11.01 8.54 -26.79
C TRP A 149 11.20 10.04 -26.70
N LYS A 150 12.36 10.40 -26.19
CA LYS A 150 12.76 11.78 -25.90
C LYS A 150 12.70 12.76 -27.07
N ASP A 151 12.93 12.30 -28.29
CA ASP A 151 12.80 13.25 -29.42
C ASP A 151 11.49 13.17 -30.20
N ASP A 152 10.51 12.41 -29.70
CA ASP A 152 9.20 12.38 -30.29
C ASP A 152 8.41 13.47 -29.65
N ALA A 153 7.30 13.83 -30.30
CA ALA A 153 6.37 14.76 -29.69
C ALA A 153 5.99 14.27 -28.26
N ALA A 154 5.74 15.24 -27.36
CA ALA A 154 5.44 14.97 -25.94
C ALA A 154 4.33 13.92 -25.68
N GLY A 155 3.25 14.02 -26.44
CA GLY A 155 2.08 13.11 -26.35
C GLY A 155 2.21 11.79 -27.13
N THR A 156 3.32 11.60 -27.83
CA THR A 156 3.50 10.41 -28.64
C THR A 156 4.28 9.31 -27.90
N TYR A 157 3.65 8.13 -27.80
CA TYR A 157 4.20 6.93 -27.16
C TYR A 157 4.25 5.80 -28.24
N ASP A 158 5.26 5.87 -29.08
CA ASP A 158 5.38 4.98 -30.24
C ASP A 158 6.22 3.76 -29.94
N TYR A 159 6.54 3.52 -28.66
CA TYR A 159 7.38 2.39 -28.28
C TYR A 159 6.74 1.55 -27.17
N SER A 160 7.23 0.32 -26.94
CA SER A 160 6.63 -0.59 -25.95
C SER A 160 7.71 -1.46 -25.34
N VAL A 161 7.45 -1.95 -24.11
CA VAL A 161 8.37 -2.90 -23.44
C VAL A 161 7.76 -4.27 -23.66
N ARG A 162 8.46 -5.15 -24.38
CA ARG A 162 7.88 -6.46 -24.68
C ARG A 162 8.66 -7.55 -23.98
N GLU A 163 8.69 -8.76 -24.57
CA GLU A 163 9.37 -9.90 -24.00
C GLU A 163 10.80 -9.61 -23.60
N ASN A 164 11.16 -10.07 -22.42
CA ASN A 164 12.53 -9.95 -21.95
C ASN A 164 12.98 -8.47 -21.78
N GLY A 165 12.02 -7.56 -21.65
CA GLY A 165 12.40 -6.12 -21.50
C GLY A 165 12.85 -5.42 -22.78
N THR A 166 12.77 -6.10 -23.89
CA THR A 166 13.17 -5.49 -25.18
C THR A 166 12.19 -4.39 -25.53
N ILE A 167 12.72 -3.22 -25.87
CA ILE A 167 11.90 -2.10 -26.27
C ILE A 167 11.74 -2.15 -27.78
N TYR A 168 10.49 -2.22 -28.22
CA TYR A 168 10.10 -2.18 -29.61
C TYR A 168 9.68 -0.80 -30.09
N ASN A 169 9.96 -0.55 -31.36
CA ASN A 169 9.37 0.57 -32.05
C ASN A 169 8.09 0.06 -32.61
N ASP A 170 6.97 0.62 -32.20
CA ASP A 170 5.72 0.09 -32.61
C ASP A 170 5.27 0.59 -33.96
N THR A 171 5.85 1.66 -34.48
CA THR A 171 5.42 2.12 -35.83
C THR A 171 5.90 1.15 -36.95
N THR A 172 7.04 0.52 -36.72
CA THR A 172 7.58 -0.50 -37.61
C THR A 172 7.53 -1.90 -37.08
N ASN A 173 7.07 -2.06 -35.85
CA ASN A 173 7.10 -3.32 -35.16
C ASN A 173 8.47 -4.02 -35.07
N SER A 174 9.53 -3.29 -34.78
CA SER A 174 10.84 -3.91 -34.70
C SER A 174 11.65 -3.57 -33.45
N ALA A 175 12.38 -4.56 -32.95
CA ALA A 175 13.16 -4.40 -31.74
C ALA A 175 14.19 -3.29 -31.93
N THR A 176 14.35 -2.43 -30.91
CA THR A 176 15.38 -1.40 -30.89
C THR A 176 16.59 -1.98 -30.18
N GLU A 177 17.68 -1.25 -30.14
CA GLU A 177 18.82 -1.70 -29.33
C GLU A 177 18.66 -1.46 -27.80
N TYR A 178 17.51 -0.90 -27.40
CA TYR A 178 17.25 -0.57 -26.04
C TYR A 178 16.44 -1.64 -25.28
N SER A 179 16.66 -1.74 -24.00
CA SER A 179 15.83 -2.64 -23.19
C SER A 179 15.80 -2.10 -21.75
N VAL A 180 14.96 -2.68 -20.92
CA VAL A 180 14.94 -2.41 -19.48
C VAL A 180 15.19 -3.72 -18.73
N ASP A 181 15.77 -3.67 -17.53
CA ASP A 181 15.99 -4.85 -16.68
C ASP A 181 14.83 -4.92 -15.66
N GLY A 182 14.97 -5.71 -14.58
CA GLY A 182 13.91 -5.89 -13.56
C GLY A 182 13.58 -4.76 -12.58
N GLU A 183 14.43 -3.74 -12.49
CA GLU A 183 14.14 -2.48 -11.88
C GLU A 183 13.48 -1.49 -12.84
N TYR A 184 13.35 -1.84 -14.12
CA TYR A 184 12.94 -0.91 -15.17
C TYR A 184 14.00 0.20 -15.50
N ASN A 185 15.26 -0.16 -15.24
CA ASN A 185 16.41 0.61 -15.61
C ASN A 185 16.70 0.34 -17.08
N LEU A 186 17.19 1.37 -17.74
CA LEU A 186 17.30 1.42 -19.18
C LEU A 186 18.71 1.01 -19.65
N TYR A 187 18.74 0.17 -20.68
CA TYR A 187 19.97 -0.31 -21.35
C TYR A 187 19.94 -0.06 -22.84
N LYS A 188 21.12 0.28 -23.37
CA LYS A 188 21.37 0.51 -24.82
C LYS A 188 22.45 -0.49 -25.29
N ASN A 189 22.09 -1.38 -26.21
CA ASN A 189 23.07 -2.39 -26.69
C ASN A 189 23.73 -3.07 -25.49
N GLY A 190 22.99 -3.31 -24.41
CA GLY A 190 23.51 -4.14 -23.28
C GLY A 190 24.24 -3.31 -22.26
N ASN A 191 24.38 -2.02 -22.51
CA ASN A 191 25.10 -1.14 -21.58
C ASN A 191 24.15 -0.29 -20.74
N ALA A 192 24.36 -0.26 -19.43
CA ALA A 192 23.55 0.57 -18.56
C ALA A 192 23.57 2.03 -19.00
N MET A 193 22.40 2.60 -19.20
CA MET A 193 22.24 4.06 -19.34
C MET A 193 22.28 4.72 -17.96
N LEU A 194 22.96 5.85 -17.84
CA LEU A 194 23.16 6.55 -16.60
C LEU A 194 22.69 7.97 -16.70
N CYS A 195 22.36 8.54 -15.53
CA CYS A 195 22.05 9.96 -15.39
C CYS A 195 22.54 10.36 -13.99
N LYS A 196 22.64 11.68 -13.77
CA LYS A 196 23.05 12.17 -12.46
C LYS A 196 21.87 12.12 -11.49
N GLN A 197 22.17 11.73 -10.26
CA GLN A 197 21.24 11.80 -9.16
C GLN A 197 20.94 13.22 -8.75
N TYR A 198 19.67 13.46 -8.33
CA TYR A 198 19.33 14.74 -7.73
C TYR A 198 19.48 14.79 -6.23
N ASP A 199 19.85 15.99 -5.74
CA ASP A 199 19.90 16.27 -4.33
C ASP A 199 18.79 17.32 -4.07
N TYR A 200 18.43 17.44 -2.81
CA TYR A 200 17.48 18.42 -2.36
C TYR A 200 17.91 19.06 -1.04
N ASN A 201 17.79 20.38 -1.03
CA ASN A 201 18.12 21.19 0.14
C ASN A 201 17.29 22.45 0.16
N PHE A 202 16.96 22.92 1.36
CA PHE A 202 16.26 24.19 1.50
C PHE A 202 17.24 25.38 1.69
N GLU A 203 16.83 26.52 1.19
CA GLU A 203 17.44 27.80 1.56
C GLU A 203 16.26 28.65 1.93
N GLY A 204 16.16 28.84 3.23
CA GLY A 204 14.92 29.28 3.82
C GLY A 204 13.81 28.33 3.45
N THR A 205 12.84 28.85 2.75
CA THR A 205 11.65 28.13 2.42
C THR A 205 11.64 27.70 0.94
N LYS A 206 12.80 27.88 0.30
CA LYS A 206 13.06 27.58 -1.11
C LYS A 206 13.68 26.20 -1.21
N LEU A 207 13.05 25.30 -1.97
CA LEU A 207 13.56 23.93 -2.15
C LEU A 207 14.31 23.78 -3.46
N LEU A 208 15.61 23.50 -3.28
CA LEU A 208 16.59 23.42 -4.37
C LEU A 208 16.81 21.98 -4.72
N GLU A 209 16.35 21.61 -5.92
CA GLU A 209 16.56 20.28 -6.42
C GLU A 209 17.67 20.37 -7.47
N THR A 210 18.81 19.77 -7.20
CA THR A 210 20.00 19.95 -8.02
C THR A 210 20.74 18.66 -8.31
N GLN A 211 21.29 18.54 -9.51
CA GLN A 211 22.00 17.35 -9.93
C GLN A 211 23.29 17.28 -9.19
N THR A 212 23.66 16.11 -8.73
CA THR A 212 24.98 15.95 -8.16
C THR A 212 25.96 15.35 -9.20
N ASP A 213 27.14 14.93 -8.75
CA ASP A 213 28.08 14.24 -9.63
C ASP A 213 27.94 12.74 -9.63
N THR A 214 26.98 12.24 -8.86
CA THR A 214 26.79 10.80 -8.73
C THR A 214 25.96 10.25 -9.84
N ASP A 215 26.41 9.14 -10.38
CA ASP A 215 25.75 8.57 -11.55
C ASP A 215 24.82 7.53 -10.98
N VAL A 216 23.57 7.47 -11.44
CA VAL A 216 22.69 6.33 -11.14
C VAL A 216 22.17 5.75 -12.44
N ASN A 217 21.52 4.59 -12.35
CA ASN A 217 20.90 4.01 -13.57
C ASN A 217 19.78 4.87 -14.07
N MET A 218 19.73 5.08 -15.38
CA MET A 218 18.60 5.80 -15.97
C MET A 218 17.40 4.81 -15.93
N ASN A 219 16.17 5.30 -15.76
CA ASN A 219 14.97 4.43 -15.50
C ASN A 219 13.80 5.10 -16.17
N VAL A 220 12.89 4.30 -16.73
CA VAL A 220 11.82 4.88 -17.52
C VAL A 220 10.79 5.62 -16.73
N PHE A 221 10.93 5.57 -15.41
CA PHE A 221 10.07 6.31 -14.51
C PHE A 221 10.63 7.66 -14.10
N TYR A 222 11.81 8.04 -14.64
CA TYR A 222 12.45 9.26 -14.19
C TYR A 222 12.20 10.43 -15.13
N LYS A 223 12.40 11.65 -14.67
CA LYS A 223 11.75 12.81 -15.33
C LYS A 223 12.27 13.21 -16.77
N ASP A 224 13.54 12.91 -17.05
CA ASP A 224 14.13 13.24 -18.34
C ASP A 224 14.88 12.00 -18.95
N ALA A 225 14.41 10.81 -18.69
CA ALA A 225 15.00 9.60 -19.29
C ALA A 225 14.70 9.57 -20.77
N ASP A 226 15.55 8.82 -21.49
CA ASP A 226 15.42 8.73 -22.93
C ASP A 226 14.10 8.12 -23.37
N PHE A 227 13.63 7.14 -22.62
CA PHE A 227 12.28 6.64 -22.77
C PHE A 227 11.55 6.82 -21.46
N LYS A 228 10.26 7.17 -21.53
CA LYS A 228 9.50 7.45 -20.35
C LYS A 228 8.08 6.89 -20.40
N VAL A 229 7.61 6.44 -19.26
CA VAL A 229 6.23 5.94 -19.19
C VAL A 229 5.17 7.02 -19.19
N PHE A 230 3.96 6.58 -19.51
CA PHE A 230 2.79 7.41 -19.35
C PHE A 230 2.66 7.82 -17.83
N PRO A 231 2.42 9.12 -17.56
CA PRO A 231 2.35 9.62 -16.18
C PRO A 231 1.00 9.34 -15.47
N THR A 232 0.83 8.08 -15.05
CA THR A 232 -0.36 7.68 -14.30
C THR A 232 0.14 6.80 -13.15
N THR A 233 -0.77 6.30 -12.33
CA THR A 233 -0.40 5.47 -11.18
C THR A 233 -0.28 4.02 -11.65
N TYR A 234 0.74 3.29 -11.19
CA TYR A 234 0.96 1.92 -11.52
C TYR A 234 0.89 1.12 -10.20
N LEU A 235 0.68 -0.17 -10.26
CA LEU A 235 0.78 -1.02 -9.10
C LEU A 235 1.99 -1.90 -9.27
N ALA A 236 2.87 -1.86 -8.33
CA ALA A 236 4.06 -2.64 -8.42
C ALA A 236 4.03 -3.79 -7.39
N MET A 237 4.73 -4.89 -7.69
N MET A 237 4.71 -4.90 -7.71
CA MET A 237 4.86 -6.00 -6.77
CA MET A 237 4.85 -6.00 -6.78
C MET A 237 6.22 -6.71 -6.94
C MET A 237 6.24 -6.69 -6.93
N LYS A 238 6.77 -7.16 -5.81
CA LYS A 238 7.91 -8.09 -5.76
C LYS A 238 7.53 -9.23 -4.79
N TYR A 239 8.05 -10.42 -5.03
CA TYR A 239 7.82 -11.54 -4.15
C TYR A 239 9.12 -12.11 -3.64
N SER A 240 9.00 -12.86 -2.55
CA SER A 240 10.16 -13.43 -1.89
C SER A 240 9.78 -14.80 -1.43
N ASP A 241 10.63 -15.73 -1.77
CA ASP A 241 10.52 -17.11 -1.27
C ASP A 241 11.42 -17.40 -0.09
N ASP A 242 12.12 -16.39 0.42
CA ASP A 242 12.99 -16.58 1.59
C ASP A 242 12.73 -15.56 2.69
N GLU A 243 11.45 -15.22 2.84
CA GLU A 243 10.98 -14.31 3.88
C GLU A 243 11.70 -12.98 3.82
N GLY A 244 12.00 -12.50 2.63
CA GLY A 244 12.45 -11.13 2.50
C GLY A 244 13.93 -11.01 2.51
N GLU A 245 14.66 -12.14 2.50
CA GLU A 245 16.09 -12.07 2.19
C GLU A 245 16.31 -11.56 0.79
N THR A 246 15.60 -12.13 -0.19
CA THR A 246 15.82 -11.70 -1.56
C THR A 246 14.46 -11.53 -2.16
N TRP A 247 14.44 -10.70 -3.20
CA TRP A 247 13.20 -10.39 -3.93
C TRP A 247 13.31 -10.63 -5.44
N SER A 248 12.18 -10.94 -6.06
CA SER A 248 12.07 -11.03 -7.49
C SER A 248 12.27 -9.68 -8.23
N ASP A 249 12.27 -9.72 -9.56
CA ASP A 249 12.27 -8.46 -10.34
C ASP A 249 10.92 -7.80 -10.08
N LEU A 250 10.81 -6.53 -10.47
CA LEU A 250 9.58 -5.77 -10.26
C LEU A 250 8.50 -6.21 -11.26
N GLN A 251 7.30 -6.56 -10.76
CA GLN A 251 6.18 -6.81 -11.61
C GLN A 251 5.26 -5.56 -11.65
N ILE A 252 4.98 -5.02 -12.82
CA ILE A 252 3.91 -4.05 -12.90
C ILE A 252 2.66 -4.82 -13.19
N VAL A 253 1.79 -4.88 -12.22
CA VAL A 253 0.63 -5.78 -12.29
C VAL A 253 -0.63 -5.04 -12.74
N SER A 254 -0.52 -3.73 -12.95
CA SER A 254 -1.70 -2.89 -13.30
C SER A 254 -2.01 -2.77 -14.82
N THR A 255 -1.79 -3.89 -15.50
CA THR A 255 -2.18 -4.10 -16.88
C THR A 255 -3.68 -3.91 -17.05
N PHE A 256 -4.43 -4.27 -16.00
CA PHE A 256 -5.89 -4.07 -15.97
C PHE A 256 -6.42 -2.67 -15.57
N LYS A 257 -5.53 -1.68 -15.37
CA LYS A 257 -5.96 -0.31 -15.03
C LYS A 257 -7.00 0.22 -16.03
N PRO A 258 -8.20 0.61 -15.56
CA PRO A 258 -9.25 0.92 -16.54
C PRO A 258 -8.87 2.21 -17.30
N GLU A 259 -9.16 2.25 -18.58
CA GLU A 259 -8.71 3.39 -19.36
C GLU A 259 -9.40 4.62 -18.89
N GLU A 260 -10.59 4.51 -18.28
CA GLU A 260 -11.29 5.67 -17.79
C GLU A 260 -10.78 6.14 -16.42
N SER A 261 -9.90 5.37 -15.78
CA SER A 261 -9.49 5.72 -14.45
C SER A 261 -8.38 6.77 -14.44
N LYS A 262 -8.45 7.70 -13.47
CA LYS A 262 -7.28 8.56 -13.15
C LYS A 262 -6.18 7.82 -12.34
N PHE A 263 -6.56 7.38 -11.15
CA PHE A 263 -5.65 6.55 -10.33
C PHE A 263 -6.32 5.25 -9.97
N LEU A 264 -5.49 4.25 -9.73
CA LEU A 264 -5.99 2.96 -9.24
C LEU A 264 -4.86 2.52 -8.34
N VAL A 265 -5.17 2.43 -7.07
CA VAL A 265 -4.15 2.29 -6.08
C VAL A 265 -4.58 1.29 -4.99
N LEU A 266 -3.63 0.99 -4.12
CA LEU A 266 -3.80 0.10 -3.01
C LEU A 266 -4.55 0.61 -1.79
N GLY A 267 -5.35 -0.28 -1.18
CA GLY A 267 -5.87 -0.11 0.21
C GLY A 267 -4.74 -0.64 1.13
N PRO A 268 -3.99 0.25 1.82
CA PRO A 268 -2.78 -0.23 2.52
C PRO A 268 -3.06 -1.12 3.72
N GLY A 269 -2.11 -1.99 4.05
CA GLY A 269 -2.25 -2.90 5.17
C GLY A 269 -1.80 -4.26 4.73
N VAL A 270 -2.72 -5.21 4.82
CA VAL A 270 -2.49 -6.55 4.28
C VAL A 270 -3.54 -7.00 3.29
N GLY A 271 -3.15 -7.98 2.50
CA GLY A 271 -4.08 -8.74 1.65
C GLY A 271 -4.55 -9.96 2.39
N LYS A 272 -5.31 -10.83 1.71
CA LYS A 272 -5.89 -12.01 2.38
C LYS A 272 -5.78 -13.24 1.47
N GLN A 273 -5.56 -14.44 2.05
CA GLN A 273 -5.71 -15.68 1.33
C GLN A 273 -6.87 -16.43 1.97
N ILE A 274 -7.78 -16.91 1.13
CA ILE A 274 -9.00 -17.54 1.59
C ILE A 274 -8.61 -18.90 2.16
N ALA A 275 -9.07 -19.20 3.37
CA ALA A 275 -8.74 -20.53 4.05
C ALA A 275 -9.77 -21.59 3.72
N ASN A 276 -11.04 -21.22 3.59
CA ASN A 276 -12.18 -22.17 3.54
C ASN A 276 -13.00 -22.08 2.27
N GLY A 277 -13.74 -23.16 1.94
CA GLY A 277 -14.73 -23.12 0.80
C GLY A 277 -14.07 -23.37 -0.57
N GLU A 278 -14.79 -23.15 -1.65
CA GLU A 278 -14.29 -23.62 -2.97
C GLU A 278 -13.11 -22.74 -3.50
N HIS A 279 -13.02 -21.49 -3.01
CA HIS A 279 -11.97 -20.51 -3.41
C HIS A 279 -10.81 -20.52 -2.43
N ALA A 280 -10.77 -21.54 -1.56
CA ALA A 280 -9.62 -21.70 -0.70
C ALA A 280 -8.33 -21.62 -1.51
N GLY A 281 -7.45 -20.80 -1.02
CA GLY A 281 -6.24 -20.58 -1.74
C GLY A 281 -6.19 -19.32 -2.56
N ARG A 282 -7.33 -18.74 -2.89
CA ARG A 282 -7.35 -17.48 -3.58
C ARG A 282 -6.68 -16.38 -2.75
N LEU A 283 -5.88 -15.57 -3.46
CA LEU A 283 -5.21 -14.41 -2.85
C LEU A 283 -6.00 -13.19 -3.36
N ILE A 284 -6.30 -12.27 -2.46
CA ILE A 284 -7.06 -11.06 -2.73
C ILE A 284 -6.51 -9.79 -2.02
N VAL A 285 -6.45 -8.70 -2.78
CA VAL A 285 -5.79 -7.46 -2.41
C VAL A 285 -6.72 -6.30 -2.78
N PRO A 286 -7.05 -5.44 -1.78
CA PRO A 286 -8.00 -4.36 -1.90
C PRO A 286 -7.36 -3.17 -2.61
N LEU A 287 -8.18 -2.49 -3.42
CA LEU A 287 -7.74 -1.40 -4.25
C LEU A 287 -8.78 -0.28 -4.22
N TYR A 288 -8.44 0.93 -4.66
CA TYR A 288 -9.50 1.92 -4.86
C TYR A 288 -9.14 2.81 -6.00
N SER A 289 -10.17 3.48 -6.53
CA SER A 289 -9.92 4.28 -7.70
C SER A 289 -10.82 5.46 -7.86
N LYS A 290 -10.34 6.41 -8.68
CA LYS A 290 -11.21 7.35 -9.42
C LYS A 290 -11.41 6.80 -10.84
N SER A 291 -12.65 6.33 -11.06
CA SER A 291 -12.97 5.50 -12.15
C SER A 291 -14.51 5.30 -12.23
N SER A 292 -14.90 4.25 -12.94
CA SER A 292 -16.27 3.68 -13.06
C SER A 292 -16.70 3.23 -11.67
N ALA A 293 -15.69 2.73 -10.95
CA ALA A 293 -15.79 2.16 -9.59
C ALA A 293 -14.84 2.84 -8.59
N GLU A 294 -15.20 2.79 -7.32
CA GLU A 294 -14.34 3.27 -6.23
C GLU A 294 -13.61 2.11 -5.57
N LEU A 295 -14.34 1.28 -4.80
CA LEU A 295 -13.77 0.05 -4.22
C LEU A 295 -13.50 -0.97 -5.35
N GLY A 296 -12.33 -1.62 -5.30
CA GLY A 296 -12.04 -2.75 -6.14
C GLY A 296 -11.11 -3.73 -5.47
N PHE A 297 -10.78 -4.80 -6.15
CA PHE A 297 -9.85 -5.83 -5.65
C PHE A 297 -9.13 -6.44 -6.80
N MET A 298 -7.97 -7.06 -6.51
N MET A 298 -8.00 -7.09 -6.51
CA MET A 298 -7.26 -7.89 -7.47
CA MET A 298 -7.39 -7.94 -7.49
C MET A 298 -7.11 -9.27 -6.80
C MET A 298 -7.16 -9.28 -6.81
N TYR A 299 -7.38 -10.35 -7.56
CA TYR A 299 -7.23 -11.71 -7.02
C TYR A 299 -6.48 -12.63 -7.94
N SER A 300 -5.87 -13.68 -7.37
CA SER A 300 -5.12 -14.62 -8.13
C SER A 300 -5.61 -15.98 -7.62
N ASP A 301 -6.05 -16.79 -8.55
CA ASP A 301 -6.28 -18.21 -8.33
C ASP A 301 -5.11 -19.13 -8.58
N ASP A 302 -4.00 -18.59 -9.06
CA ASP A 302 -2.85 -19.42 -9.34
C ASP A 302 -1.62 -19.00 -8.60
N HIS A 303 -1.77 -18.72 -7.31
CA HIS A 303 -0.64 -18.41 -6.43
C HIS A 303 0.24 -17.26 -6.90
N GLY A 304 -0.35 -16.28 -7.55
CA GLY A 304 0.37 -15.03 -7.70
C GLY A 304 0.84 -14.72 -9.05
N ASN A 305 0.72 -15.69 -9.95
CA ASN A 305 1.19 -15.51 -11.30
C ASN A 305 0.28 -14.57 -12.07
N ASN A 306 -1.02 -14.76 -11.93
CA ASN A 306 -1.97 -13.85 -12.64
C ASN A 306 -2.91 -13.18 -11.67
N TRP A 307 -3.33 -11.97 -11.99
CA TRP A 307 -4.20 -11.15 -11.19
C TRP A 307 -5.41 -10.65 -12.00
N THR A 308 -6.59 -10.79 -11.40
CA THR A 308 -7.83 -10.34 -12.07
C THR A 308 -8.40 -9.19 -11.32
N TYR A 309 -8.79 -8.13 -12.02
CA TYR A 309 -9.34 -6.96 -11.35
C TYR A 309 -10.86 -7.09 -11.21
N VAL A 310 -11.39 -6.70 -10.07
CA VAL A 310 -12.81 -6.73 -9.73
C VAL A 310 -13.22 -5.33 -9.29
N GLU A 311 -14.29 -4.77 -9.86
CA GLU A 311 -14.91 -3.57 -9.35
C GLU A 311 -16.00 -4.00 -8.36
N ALA A 312 -16.04 -3.37 -7.17
CA ALA A 312 -16.98 -3.65 -6.10
C ALA A 312 -18.24 -2.78 -6.08
N ASP A 313 -18.25 -1.71 -6.84
CA ASP A 313 -19.34 -0.77 -6.82
C ASP A 313 -19.39 -0.07 -8.18
N GLN A 314 -20.32 0.86 -8.32
CA GLN A 314 -20.33 1.83 -9.47
C GLN A 314 -20.26 3.26 -9.05
N ASN A 315 -19.36 3.57 -8.13
CA ASN A 315 -19.17 4.93 -7.66
C ASN A 315 -18.10 5.63 -8.41
N THR A 316 -18.43 6.78 -8.97
CA THR A 316 -17.43 7.58 -9.75
C THR A 316 -16.74 8.72 -8.99
N GLY A 317 -17.06 8.83 -7.71
CA GLY A 317 -16.58 9.87 -6.83
C GLY A 317 -15.09 9.90 -6.51
N GLY A 318 -14.40 8.78 -6.67
CA GLY A 318 -12.98 8.70 -6.45
C GLY A 318 -12.59 9.01 -5.02
N ALA A 319 -13.42 8.58 -4.09
CA ALA A 319 -13.11 8.75 -2.66
C ALA A 319 -12.00 7.78 -2.27
N THR A 320 -11.44 8.00 -1.08
CA THR A 320 -10.29 7.19 -0.60
C THR A 320 -10.85 5.93 0.12
N ALA A 321 -11.33 4.98 -0.70
CA ALA A 321 -12.08 3.78 -0.27
C ALA A 321 -11.15 2.63 0.08
N GLU A 322 -10.22 2.89 0.96
CA GLU A 322 -9.24 1.91 1.43
C GLU A 322 -9.95 0.88 2.25
N ALA A 323 -9.66 -0.40 1.98
CA ALA A 323 -10.38 -1.43 2.67
C ALA A 323 -9.47 -2.49 3.17
N GLN A 324 -9.98 -3.26 4.14
CA GLN A 324 -9.30 -4.49 4.57
C GLN A 324 -10.29 -5.59 4.74
N ILE A 325 -9.81 -6.83 4.60
CA ILE A 325 -10.71 -7.96 4.33
C ILE A 325 -10.58 -9.06 5.40
N VAL A 326 -11.71 -9.51 5.93
CA VAL A 326 -11.73 -10.73 6.77
C VAL A 326 -12.65 -11.82 6.22
N GLU A 327 -12.38 -13.07 6.65
CA GLU A 327 -13.09 -14.23 6.21
C GLU A 327 -14.05 -14.76 7.28
N MET A 328 -15.23 -15.17 6.86
CA MET A 328 -16.22 -15.84 7.75
C MET A 328 -15.92 -17.29 7.77
N PRO A 329 -16.46 -18.02 8.78
CA PRO A 329 -16.16 -19.45 8.91
C PRO A 329 -16.40 -20.28 7.65
N ASP A 330 -17.40 -19.92 6.82
CA ASP A 330 -17.69 -20.70 5.60
C ASP A 330 -16.87 -20.22 4.40
N GLY A 331 -16.09 -19.17 4.54
CA GLY A 331 -15.19 -18.75 3.48
C GLY A 331 -15.69 -17.48 2.79
N SER A 332 -16.94 -17.04 2.97
CA SER A 332 -17.38 -15.76 2.51
C SER A 332 -16.55 -14.66 3.11
N LEU A 333 -16.52 -13.52 2.41
CA LEU A 333 -15.71 -12.38 2.78
C LEU A 333 -16.53 -11.21 3.26
N LYS A 334 -15.99 -10.56 4.30
CA LYS A 334 -16.52 -9.31 4.80
C LYS A 334 -15.37 -8.29 4.67
N THR A 335 -15.66 -7.21 3.96
CA THR A 335 -14.69 -6.14 3.79
C THR A 335 -15.17 -4.91 4.54
N TYR A 336 -14.24 -4.30 5.26
CA TYR A 336 -14.47 -3.08 5.99
C TYR A 336 -13.68 -1.98 5.29
N LEU A 337 -14.34 -0.90 4.93
CA LEU A 337 -13.67 0.17 4.17
C LEU A 337 -13.93 1.59 4.65
N ARG A 338 -12.98 2.43 4.35
CA ARG A 338 -13.11 3.81 4.58
C ARG A 338 -14.05 4.32 3.49
N THR A 339 -14.73 5.44 3.71
CA THR A 339 -15.45 6.14 2.64
C THR A 339 -15.23 7.61 2.76
N GLY A 340 -15.76 8.35 1.80
CA GLY A 340 -15.78 9.82 1.92
C GLY A 340 -17.09 10.38 2.44
N SER A 341 -17.87 9.55 3.17
CA SER A 341 -19.27 9.84 3.54
C SER A 341 -19.51 9.96 5.01
N GLY A 342 -18.44 9.87 5.80
CA GLY A 342 -18.54 10.01 7.25
C GLY A 342 -18.89 8.73 8.05
N TYR A 343 -18.66 7.54 7.48
CA TYR A 343 -18.78 6.32 8.21
C TYR A 343 -17.85 5.26 7.56
N ILE A 344 -17.47 4.31 8.38
CA ILE A 344 -16.93 3.09 7.89
C ILE A 344 -18.07 2.24 7.30
N ALA A 345 -17.77 1.54 6.20
CA ALA A 345 -18.75 0.71 5.53
C ALA A 345 -18.28 -0.69 5.43
N GLN A 346 -19.24 -1.59 5.28
CA GLN A 346 -18.96 -3.01 5.17
C GLN A 346 -19.68 -3.50 3.93
N VAL A 347 -19.05 -4.38 3.21
CA VAL A 347 -19.64 -5.02 2.02
C VAL A 347 -19.29 -6.45 2.15
N MET A 348 -20.15 -7.29 1.57
CA MET A 348 -20.02 -8.72 1.71
C MET A 348 -19.92 -9.42 0.32
N SER A 349 -19.15 -10.50 0.33
CA SER A 349 -19.06 -11.37 -0.84
C SER A 349 -19.21 -12.85 -0.47
N THR A 350 -20.07 -13.53 -1.24
CA THR A 350 -20.28 -14.97 -1.15
C THR A 350 -19.69 -15.80 -2.31
N ASP A 351 -18.86 -15.20 -3.18
CA ASP A 351 -18.25 -15.86 -4.28
C ASP A 351 -16.80 -15.48 -4.38
N GLY A 352 -16.14 -15.46 -3.20
CA GLY A 352 -14.66 -15.32 -3.14
C GLY A 352 -14.15 -14.00 -3.65
N GLY A 353 -15.00 -12.99 -3.62
CA GLY A 353 -14.57 -11.66 -3.97
C GLY A 353 -14.93 -11.20 -5.34
N GLU A 354 -15.73 -11.97 -6.09
CA GLU A 354 -16.01 -11.58 -7.47
C GLU A 354 -17.11 -10.55 -7.50
N THR A 355 -18.07 -10.69 -6.60
CA THR A 355 -19.08 -9.70 -6.49
C THR A 355 -19.34 -9.33 -5.04
N TRP A 356 -19.91 -8.15 -4.87
CA TRP A 356 -20.07 -7.55 -3.53
C TRP A 356 -21.41 -6.89 -3.36
N SER A 357 -21.95 -7.02 -2.14
CA SER A 357 -23.18 -6.28 -1.77
C SER A 357 -22.98 -4.78 -1.71
N GLU A 358 -24.09 -4.05 -1.64
CA GLU A 358 -24.04 -2.58 -1.36
C GLU A 358 -23.40 -2.33 0.01
N ARG A 359 -22.75 -1.20 0.16
CA ARG A 359 -22.21 -0.72 1.46
C ARG A 359 -23.29 -0.62 2.54
N VAL A 360 -22.96 -1.20 3.71
CA VAL A 360 -23.70 -1.03 4.96
C VAL A 360 -22.94 -0.05 5.84
N PRO A 361 -23.50 1.14 6.10
CA PRO A 361 -22.84 2.01 7.08
C PRO A 361 -22.65 1.38 8.42
N LEU A 362 -21.41 1.28 8.93
CA LEU A 362 -21.11 0.74 10.29
C LEU A 362 -21.22 1.87 11.35
N THR A 363 -22.12 1.73 12.31
CA THR A 363 -22.38 2.79 13.33
C THR A 363 -21.71 2.61 14.68
N GLU A 364 -20.94 1.56 14.90
CA GLU A 364 -20.22 1.50 16.16
C GLU A 364 -19.17 2.62 16.20
N ILE A 365 -18.60 3.01 15.04
CA ILE A 365 -17.41 3.87 15.03
C ILE A 365 -17.65 5.24 14.43
N ALA A 366 -17.41 6.27 15.22
CA ALA A 366 -17.32 7.63 14.74
C ALA A 366 -16.05 7.81 13.89
N THR A 367 -16.15 8.57 12.79
CA THR A 367 -15.02 8.86 11.93
C THR A 367 -15.31 10.20 11.34
N THR A 368 -14.37 10.75 10.59
CA THR A 368 -14.48 12.05 10.00
C THR A 368 -15.09 11.93 8.63
N GLY A 369 -15.30 13.07 7.98
CA GLY A 369 -15.89 13.10 6.67
C GLY A 369 -15.03 12.47 5.60
N TYR A 370 -13.73 12.82 5.62
CA TYR A 370 -12.69 12.33 4.71
C TYR A 370 -12.27 10.87 5.07
N GLY A 371 -12.42 10.51 6.32
CA GLY A 371 -12.15 9.14 6.77
C GLY A 371 -10.67 8.85 7.05
N THR A 372 -10.42 7.66 7.60
CA THR A 372 -9.07 7.14 7.91
C THR A 372 -8.98 5.63 7.62
N GLN A 373 -7.81 5.15 7.22
CA GLN A 373 -7.63 3.76 6.96
C GLN A 373 -7.86 3.03 8.25
N LEU A 374 -8.25 1.75 8.13
CA LEU A 374 -8.44 0.88 9.24
C LEU A 374 -7.70 -0.42 9.04
N SER A 375 -7.66 -1.25 10.06
CA SER A 375 -7.11 -2.56 9.95
C SER A 375 -8.10 -3.55 10.54
N VAL A 376 -8.38 -4.63 9.80
CA VAL A 376 -9.21 -5.71 10.33
C VAL A 376 -8.54 -7.02 10.10
N ILE A 377 -8.60 -7.94 11.08
CA ILE A 377 -8.00 -9.22 10.93
C ILE A 377 -8.85 -10.31 11.63
N ASN A 378 -8.72 -11.49 11.10
CA ASN A 378 -9.24 -12.67 11.74
C ASN A 378 -8.33 -12.99 12.93
N TYR A 379 -8.98 -13.57 13.93
CA TYR A 379 -8.23 -14.13 15.08
C TYR A 379 -8.35 -15.66 15.07
N SER A 380 -7.28 -16.38 15.42
CA SER A 380 -7.29 -17.83 15.21
C SER A 380 -7.98 -18.64 16.33
N GLN A 381 -8.15 -18.05 17.52
CA GLN A 381 -8.80 -18.77 18.67
C GLN A 381 -10.16 -18.18 18.94
N PRO A 382 -11.14 -19.02 19.32
CA PRO A 382 -12.40 -18.40 19.66
C PRO A 382 -12.26 -17.46 20.87
N VAL A 383 -13.24 -16.56 20.95
CA VAL A 383 -13.40 -15.61 22.00
C VAL A 383 -14.82 -15.75 22.45
N ASP A 384 -15.01 -15.98 23.77
CA ASP A 384 -16.33 -16.28 24.36
C ASP A 384 -17.08 -17.35 23.57
N GLY A 385 -16.31 -18.34 23.16
CA GLY A 385 -16.80 -19.45 22.38
C GLY A 385 -17.13 -19.16 20.92
N LYS A 386 -16.78 -17.96 20.41
CA LYS A 386 -17.09 -17.59 19.05
C LYS A 386 -15.89 -17.23 18.19
N PRO A 387 -16.08 -17.36 16.85
CA PRO A 387 -15.03 -16.92 15.98
C PRO A 387 -15.00 -15.42 16.07
N ALA A 388 -13.79 -14.88 15.98
CA ALA A 388 -13.60 -13.49 16.28
C ALA A 388 -12.75 -12.79 15.22
N ILE A 389 -13.03 -11.50 15.07
CA ILE A 389 -12.21 -10.57 14.28
C ILE A 389 -11.83 -9.37 15.17
N LEU A 390 -10.77 -8.67 14.78
CA LEU A 390 -10.29 -7.50 15.51
C LEU A 390 -10.27 -6.33 14.51
N LEU A 391 -10.70 -5.15 14.93
CA LEU A 391 -10.54 -3.95 14.12
C LEU A 391 -9.88 -2.84 14.87
N SER A 392 -8.95 -2.17 14.20
CA SER A 392 -8.24 -0.99 14.68
C SER A 392 -8.54 0.19 13.82
N ALA A 393 -8.88 1.28 14.46
CA ALA A 393 -9.17 2.55 13.77
C ALA A 393 -9.33 3.72 14.75
N PRO A 394 -9.12 4.97 14.28
CA PRO A 394 -9.54 6.06 15.14
C PRO A 394 -11.05 6.04 15.36
N ASN A 395 -11.50 6.85 16.31
CA ASN A 395 -12.92 6.86 16.72
C ASN A 395 -13.26 8.23 17.09
N ALA A 396 -13.29 9.15 16.13
CA ALA A 396 -13.53 10.53 16.51
C ALA A 396 -14.12 11.17 15.34
N THR A 397 -15.04 12.09 15.61
CA THR A 397 -15.67 12.88 14.57
C THR A 397 -14.84 13.97 13.97
N ASN A 398 -14.01 14.60 14.77
CA ASN A 398 -13.07 15.62 14.30
C ASN A 398 -11.68 15.13 14.56
N GLY A 399 -10.87 15.02 13.55
CA GLY A 399 -9.47 14.75 13.78
C GLY A 399 -9.21 13.25 13.84
N ARG A 400 -7.96 12.86 13.57
CA ARG A 400 -7.54 11.47 13.71
C ARG A 400 -7.01 11.17 15.08
N LYS A 401 -7.87 10.67 15.97
CA LYS A 401 -7.55 10.51 17.38
C LYS A 401 -8.44 9.42 17.97
N ASN A 402 -8.21 9.16 19.25
CA ASN A 402 -9.00 8.23 20.01
C ASN A 402 -9.05 6.86 19.38
N GLY A 403 -7.87 6.28 19.18
CA GLY A 403 -7.73 4.97 18.67
C GLY A 403 -8.25 3.86 19.58
N LYS A 404 -8.88 2.91 18.94
CA LYS A 404 -9.43 1.71 19.60
C LYS A 404 -9.06 0.45 18.89
N ILE A 405 -8.98 -0.67 19.64
CA ILE A 405 -8.98 -1.99 19.01
C ILE A 405 -10.32 -2.60 19.49
N TRP A 406 -11.16 -3.04 18.55
CA TRP A 406 -12.39 -3.73 18.83
C TRP A 406 -12.27 -5.22 18.55
N ILE A 407 -13.06 -6.01 19.25
CA ILE A 407 -13.22 -7.42 18.98
C ILE A 407 -14.67 -7.67 18.64
N GLY A 408 -14.85 -8.40 17.54
CA GLY A 408 -16.14 -8.70 16.99
C GLY A 408 -16.30 -10.19 17.06
N LEU A 409 -17.48 -10.59 17.49
CA LEU A 409 -17.80 -12.00 17.63
C LEU A 409 -18.83 -12.38 16.58
N ILE A 410 -18.54 -13.43 15.83
CA ILE A 410 -19.36 -13.78 14.68
C ILE A 410 -20.43 -14.80 15.06
N SER A 411 -21.69 -14.48 14.75
CA SER A 411 -22.82 -15.48 14.90
C SER A 411 -23.54 -15.74 13.59
N GLU A 412 -24.01 -16.97 13.39
CA GLU A 412 -24.92 -17.28 12.27
C GLU A 412 -26.25 -16.77 12.64
N THR A 413 -26.88 -15.96 11.78
CA THR A 413 -28.19 -15.29 12.07
C THR A 413 -29.41 -16.19 11.84
N GLY A 414 -29.22 -17.35 11.22
CA GLY A 414 -30.31 -18.16 10.65
C GLY A 414 -30.76 -17.81 9.22
N ASN A 415 -30.26 -16.70 8.66
CA ASN A 415 -30.60 -16.27 7.30
C ASN A 415 -29.57 -16.76 6.28
N SER A 416 -29.77 -16.31 5.04
CA SER A 416 -29.07 -16.82 3.88
C SER A 416 -28.09 -15.77 3.34
N GLY A 417 -27.00 -16.25 2.73
CA GLY A 417 -26.18 -15.38 1.88
C GLY A 417 -25.44 -14.25 2.59
N LYS A 418 -25.62 -13.03 2.14
CA LYS A 418 -24.89 -11.88 2.70
C LYS A 418 -25.35 -11.59 4.14
N ASP A 419 -26.58 -12.00 4.45
CA ASP A 419 -27.19 -11.91 5.78
C ASP A 419 -26.92 -13.13 6.69
N LYS A 420 -26.11 -14.06 6.25
CA LYS A 420 -25.87 -15.31 7.00
C LYS A 420 -25.15 -15.10 8.35
N TYR A 421 -24.18 -14.18 8.42
CA TYR A 421 -23.53 -13.89 9.71
C TYR A 421 -23.84 -12.49 10.19
N SER A 422 -23.80 -12.32 11.52
CA SER A 422 -23.70 -11.03 12.06
C SER A 422 -22.47 -10.96 12.94
N VAL A 423 -22.05 -9.72 13.15
CA VAL A 423 -20.92 -9.43 14.03
C VAL A 423 -21.33 -8.57 15.21
N ASP A 424 -20.91 -8.98 16.38
CA ASP A 424 -21.21 -8.24 17.60
C ASP A 424 -19.91 -7.60 18.07
N TRP A 425 -19.81 -6.27 17.97
CA TRP A 425 -18.59 -5.57 18.45
C TRP A 425 -18.69 -5.43 19.97
N LYS A 426 -18.33 -6.52 20.67
CA LYS A 426 -18.59 -6.67 22.10
C LYS A 426 -17.57 -5.97 22.90
N TYR A 427 -16.33 -5.94 22.42
CA TYR A 427 -15.27 -5.35 23.17
C TYR A 427 -14.64 -4.15 22.44
N CYS A 428 -14.14 -3.21 23.24
CA CYS A 428 -13.47 -2.00 22.75
C CYS A 428 -12.36 -1.51 23.69
N TYR A 429 -11.11 -1.64 23.26
CA TYR A 429 -9.95 -1.33 24.03
C TYR A 429 -9.45 0.03 23.59
N SER A 430 -9.15 0.94 24.53
CA SER A 430 -8.62 2.30 24.18
C SER A 430 -7.11 2.28 24.18
N VAL A 431 -6.49 2.61 23.06
CA VAL A 431 -5.02 2.49 22.94
C VAL A 431 -4.28 3.54 23.77
N ASP A 432 -4.86 4.71 23.87
CA ASP A 432 -4.26 5.77 24.68
C ASP A 432 -5.42 6.51 25.20
N THR A 433 -5.63 7.72 24.79
CA THR A 433 -6.68 8.50 25.38
C THR A 433 -7.39 9.20 24.28
N PRO A 434 -8.60 9.70 24.56
CA PRO A 434 -9.37 10.29 23.46
C PRO A 434 -8.74 11.49 22.76
N GLN A 435 -7.91 12.24 23.46
CA GLN A 435 -7.28 13.42 22.75
C GLN A 435 -5.99 13.06 21.98
N MET A 436 -5.47 11.89 22.22
CA MET A 436 -4.15 11.55 21.62
C MET A 436 -4.37 11.15 20.13
N GLY A 437 -3.51 11.71 19.25
CA GLY A 437 -3.46 11.37 17.82
C GLY A 437 -3.36 9.88 17.49
N TYR A 438 -4.10 9.48 16.48
CA TYR A 438 -4.17 8.06 16.05
C TYR A 438 -4.63 7.99 14.65
N SER A 439 -3.77 7.61 13.74
CA SER A 439 -4.17 7.50 12.32
C SER A 439 -4.14 6.09 11.74
N TYR A 440 -3.24 5.82 10.80
CA TYR A 440 -3.25 4.55 10.08
C TYR A 440 -2.71 3.49 11.02
N SER A 441 -3.12 2.26 10.76
CA SER A 441 -2.71 1.13 11.63
C SER A 441 -2.77 -0.20 10.95
N CYS A 442 -2.06 -1.19 11.52
CA CYS A 442 -2.14 -2.54 11.00
C CYS A 442 -1.94 -3.48 12.17
N LEU A 443 -2.92 -4.34 12.35
CA LEU A 443 -2.90 -5.42 13.30
C LEU A 443 -2.32 -6.71 12.71
N THR A 444 -1.72 -7.54 13.59
CA THR A 444 -1.48 -8.93 13.20
C THR A 444 -1.60 -9.80 14.41
N GLU A 445 -1.89 -11.08 14.19
CA GLU A 445 -1.86 -12.08 15.23
C GLU A 445 -0.51 -12.72 15.28
N LEU A 446 0.21 -12.47 16.35
CA LEU A 446 1.56 -12.99 16.49
C LEU A 446 1.48 -14.50 16.86
N PRO A 447 2.60 -15.21 16.70
CA PRO A 447 2.60 -16.67 16.85
C PRO A 447 2.26 -17.17 18.27
N ASP A 448 2.34 -16.31 19.25
CA ASP A 448 2.01 -16.70 20.60
C ASP A 448 0.52 -16.41 20.91
N GLY A 449 -0.24 -15.91 19.93
CA GLY A 449 -1.67 -15.57 20.10
C GLY A 449 -1.84 -14.16 20.59
N GLU A 450 -0.73 -13.50 20.82
CA GLU A 450 -0.74 -12.06 21.10
C GLU A 450 -1.10 -11.29 19.82
N ILE A 451 -1.54 -10.08 20.00
CA ILE A 451 -1.88 -9.13 18.89
C ILE A 451 -0.81 -8.09 18.76
N GLY A 452 -0.25 -7.94 17.57
CA GLY A 452 0.71 -6.88 17.29
C GLY A 452 0.00 -5.73 16.60
N LEU A 453 0.43 -4.49 16.91
CA LEU A 453 -0.08 -3.28 16.28
C LEU A 453 1.01 -2.28 15.92
N LEU A 454 1.05 -1.89 14.67
CA LEU A 454 1.94 -0.88 14.22
C LEU A 454 1.03 0.20 13.79
N TYR A 455 1.27 1.41 14.32
CA TYR A 455 0.36 2.56 14.05
C TYR A 455 1.00 3.94 14.10
N GLU A 456 0.29 4.87 13.47
CA GLU A 456 0.67 6.26 13.38
C GLU A 456 0.11 6.95 14.63
N LYS A 457 1.01 7.31 15.56
CA LYS A 457 0.60 7.94 16.83
C LYS A 457 0.56 9.48 16.74
N TYR A 458 -0.16 9.98 15.76
CA TYR A 458 -0.41 11.38 15.46
C TYR A 458 -1.56 11.52 14.43
N ASP A 459 -2.00 12.75 14.15
CA ASP A 459 -3.03 13.04 13.14
C ASP A 459 -2.29 13.29 11.85
N SER A 460 -2.25 12.25 11.00
CA SER A 460 -1.56 12.35 9.73
C SER A 460 -2.33 13.08 8.61
N TRP A 461 -3.56 13.49 8.87
CA TRP A 461 -4.33 14.36 7.96
C TRP A 461 -4.02 15.85 8.22
N SER A 462 -3.85 16.20 9.49
CA SER A 462 -3.76 17.62 9.93
C SER A 462 -2.60 18.34 9.29
N ARG A 463 -2.88 19.53 8.75
CA ARG A 463 -1.81 20.39 8.21
C ARG A 463 -0.95 21.03 9.29
N ASN A 464 -1.27 20.76 10.56
CA ASN A 464 -0.44 21.15 11.69
C ASN A 464 0.40 20.06 12.32
N GLU A 465 0.30 18.83 11.85
CA GLU A 465 1.14 17.72 12.40
C GLU A 465 1.99 17.08 11.33
N LEU A 466 2.25 17.82 10.25
CA LEU A 466 3.13 17.36 9.16
C LEU A 466 4.53 17.21 9.68
N HIS A 467 5.28 16.30 9.07
CA HIS A 467 6.73 16.27 9.24
C HIS A 467 7.15 16.09 10.67
N LEU A 468 6.47 15.21 11.38
CA LEU A 468 6.90 14.78 12.74
C LEU A 468 7.70 13.50 12.65
N LYS A 469 8.77 13.36 13.43
CA LYS A 469 9.59 12.19 13.46
C LYS A 469 9.14 11.20 14.57
N ASN A 470 9.45 9.93 14.39
CA ASN A 470 9.18 8.90 15.33
C ASN A 470 7.78 8.75 15.85
N ILE A 471 6.81 8.82 14.95
CA ILE A 471 5.39 8.70 15.30
C ILE A 471 4.83 7.33 14.97
N LEU A 472 5.65 6.47 14.39
CA LEU A 472 5.20 5.19 13.98
C LEU A 472 5.54 4.22 15.10
N LYS A 473 4.53 3.73 15.77
CA LYS A 473 4.69 3.06 17.02
C LYS A 473 4.19 1.60 17.04
N TYR A 474 4.91 0.71 17.74
CA TYR A 474 4.61 -0.73 17.76
C TYR A 474 4.24 -1.12 19.18
N GLU A 475 3.12 -1.79 19.37
CA GLU A 475 2.78 -2.34 20.71
C GLU A 475 2.22 -3.72 20.57
N ARG A 476 2.31 -4.53 21.64
CA ARG A 476 1.75 -5.89 21.65
C ARG A 476 0.79 -6.02 22.79
N PHE A 477 -0.22 -6.84 22.60
CA PHE A 477 -1.25 -7.04 23.60
C PHE A 477 -1.60 -8.52 23.74
N ASN A 478 -2.11 -8.89 24.91
CA ASN A 478 -2.68 -10.15 25.17
C ASN A 478 -4.13 -9.97 24.86
N ILE A 479 -4.80 -11.03 24.42
CA ILE A 479 -6.24 -10.95 24.15
C ILE A 479 -7.07 -10.55 25.40
N ASP A 480 -6.67 -11.01 26.58
CA ASP A 480 -7.45 -10.68 27.78
C ASP A 480 -7.45 -9.18 28.02
N GLU A 481 -6.29 -8.55 27.82
CA GLU A 481 -6.15 -7.08 27.94
C GLU A 481 -7.13 -6.31 27.08
N LEU A 482 -7.42 -6.86 25.91
CA LEU A 482 -8.32 -6.17 24.93
C LEU A 482 -9.81 -6.36 25.19
N LYS A 483 -10.14 -7.38 25.94
CA LYS A 483 -11.53 -7.67 26.19
C LYS A 483 -12.12 -6.69 27.22
N VAL A 484 -12.24 -5.44 26.83
CA VAL A 484 -12.79 -4.39 27.66
C VAL A 484 -14.20 -4.04 27.22
N GLN A 485 -15.05 -3.69 28.18
CA GLN A 485 -16.40 -3.26 27.88
C GLN A 485 -16.65 -1.92 28.58
N PRO A 486 -16.46 -0.80 27.85
CA PRO A 486 -16.45 0.55 28.44
C PRO A 486 -17.86 1.14 28.60
C ACE B . -1.45 -9.15 -13.81
O ACE B . -1.71 -8.50 -14.83
CH3 ACE B . -1.51 -10.64 -14.01
CAA 3XR C . -1.36 7.33 -2.94
CAJ 3XR C . -1.68 8.39 -1.93
OAB 3XR C . -1.57 9.59 -2.14
NAH 3XR C . -2.20 7.93 -0.83
CAO 3XR C . -2.49 8.79 0.24
NAI 3XR C . -3.99 8.87 0.19
CAG 3XR C . -4.32 9.75 1.34
CAN 3XR C . -3.99 9.01 2.65
CAK 3XR C . -4.60 9.60 3.93
OAD 3XR C . -3.86 9.70 4.96
OAC 3XR C . -5.87 9.89 3.91
CAL 3XR C . -2.45 8.93 2.71
OAE 3XR C . -1.90 10.21 2.64
CAM 3XR C . -2.03 8.11 1.49
OAF 3XR C . -0.62 7.87 1.49
#